data_7CBD
#
_entry.id   7CBD
#
_cell.length_a   107.667
_cell.length_b   49.390
_cell.length_c   71.004
_cell.angle_alpha   90.000
_cell.angle_beta   96.360
_cell.angle_gamma   90.000
#
_symmetry.space_group_name_H-M   'C 1 2 1'
#
loop_
_entity.id
_entity.type
_entity.pdbx_description
1 polymer 'Exoglucanase A'
2 water water
#
_entity_poly.entity_id   1
_entity_poly.type   'polypeptide(L)'
_entity_poly.pdbx_seq_one_letter_code
;MAPVHVDNPYAGAVQYVNPTWAASVNAAAGRQSADPALAAKMRTVAGQPTAVWMDRISAITGNADGNGLKFHLDNAVAQQ
KAAGVPLVFNLVIYDLPGRDCFALASNGELPATDAGLARYKSEYIDPIADLLDNPEYESIRIAATIEPDSLPNLTTNISE
PACQQAAPYYRQGVKYALDKLHAIPNVYNYIDIGHSGWLGWDSNAGPSATLFAEVAKSTTAGFASIDGFVSDVANTTPLE
EPLLSDSSLTINNTPIRSSKFYEWNFDFDEIDYTAHMHRLLVAAGFPSSIGMLVDTSRNGWGGPNRPTSITASTDVNAYV
DANRVDRRVHRGAWCNPLGAGIGRFPEATPSGYAASHLDAFVWIKPPGESDGASTDIPNDQGKRFDRMCDPTFVSPKLNN
QLTGATPNAPLAGQWFEEQFVTLVKNAYPVIGGTTPVEDLVAPTIEGRFGGHHHHHH
;
_entity_poly.pdbx_strand_id   A
#
# COMPACT_ATOMS: atom_id res chain seq x y z
N ALA A 2 -10.78 -12.62 22.85
CA ALA A 2 -10.83 -12.63 24.32
C ALA A 2 -9.77 -11.74 25.00
N PRO A 3 -8.54 -11.73 24.50
CA PRO A 3 -7.61 -10.68 24.94
C PRO A 3 -8.19 -9.30 24.66
N VAL A 4 -7.80 -8.32 25.48
CA VAL A 4 -8.31 -6.97 25.27
C VAL A 4 -7.78 -6.39 23.97
N HIS A 5 -8.59 -5.54 23.36
CA HIS A 5 -8.25 -4.91 22.09
C HIS A 5 -7.32 -3.73 22.37
N VAL A 6 -6.14 -3.73 21.76
CA VAL A 6 -5.09 -2.77 22.12
C VAL A 6 -5.09 -1.57 21.18
N ASP A 7 -4.41 -0.51 21.63
CA ASP A 7 -4.30 0.70 20.85
C ASP A 7 -3.44 0.50 19.60
N ASN A 8 -2.36 -0.27 19.71
CA ASN A 8 -1.43 -0.48 18.61
C ASN A 8 -1.05 -1.95 18.61
N PRO A 9 -1.63 -2.75 17.70
CA PRO A 9 -1.32 -4.19 17.69
C PRO A 9 0.13 -4.50 17.36
N TYR A 10 0.85 -3.55 16.76
CA TYR A 10 2.25 -3.77 16.39
C TYR A 10 3.22 -3.57 17.55
N ALA A 11 2.82 -2.88 18.62
CA ALA A 11 3.76 -2.56 19.68
C ALA A 11 4.22 -3.82 20.38
N GLY A 12 5.55 -4.03 20.42
CA GLY A 12 6.10 -5.22 21.04
C GLY A 12 5.81 -6.51 20.31
N ALA A 13 5.34 -6.45 19.07
CA ALA A 13 4.90 -7.62 18.33
C ALA A 13 5.85 -7.92 17.18
N VAL A 14 5.78 -9.15 16.71
CA VAL A 14 6.39 -9.55 15.44
C VAL A 14 5.31 -9.49 14.36
N GLN A 15 5.72 -9.54 13.10
CA GLN A 15 4.79 -9.57 11.98
C GLN A 15 4.94 -10.87 11.20
N TYR A 16 3.81 -11.35 10.66
CA TYR A 16 3.80 -12.59 9.88
C TYR A 16 4.69 -12.50 8.65
N VAL A 17 5.48 -13.54 8.42
CA VAL A 17 6.26 -13.67 7.20
C VAL A 17 5.61 -14.74 6.32
N ASN A 18 5.30 -14.38 5.08
CA ASN A 18 4.56 -15.22 4.15
C ASN A 18 5.51 -16.19 3.47
N PRO A 19 5.44 -17.50 3.78
CA PRO A 19 6.42 -18.43 3.19
C PRO A 19 6.28 -18.58 1.68
N THR A 20 5.10 -18.33 1.12
CA THR A 20 4.94 -18.42 -0.33
C THR A 20 5.69 -17.29 -1.03
N TRP A 21 5.53 -16.06 -0.53
CA TRP A 21 6.28 -14.95 -1.07
C TRP A 21 7.78 -15.11 -0.81
N ALA A 22 8.13 -15.59 0.39
CA ALA A 22 9.54 -15.82 0.69
C ALA A 22 10.15 -16.79 -0.32
N ALA A 23 9.42 -17.85 -0.67
CA ALA A 23 9.92 -18.81 -1.64
C ALA A 23 10.10 -18.15 -3.01
N SER A 24 9.17 -17.27 -3.41
CA SER A 24 9.33 -16.55 -4.66
C SER A 24 10.59 -15.68 -4.64
N VAL A 25 10.85 -15.01 -3.51
CA VAL A 25 12.04 -14.18 -3.42
C VAL A 25 13.29 -15.05 -3.48
N ASN A 26 13.32 -16.16 -2.74
CA ASN A 26 14.49 -17.03 -2.77
C ASN A 26 14.73 -17.62 -4.15
N ALA A 27 13.66 -17.93 -4.90
CA ALA A 27 13.84 -18.39 -6.27
C ALA A 27 14.47 -17.30 -7.13
N ALA A 28 14.01 -16.05 -6.96
CA ALA A 28 14.63 -14.93 -7.67
C ALA A 28 16.10 -14.81 -7.30
N ALA A 29 16.43 -15.02 -6.03
CA ALA A 29 17.83 -14.95 -5.60
C ALA A 29 18.67 -16.01 -6.30
N GLY A 30 18.12 -17.23 -6.42
CA GLY A 30 18.82 -18.29 -7.12
C GLY A 30 19.12 -17.93 -8.56
N ARG A 31 18.21 -17.20 -9.21
CA ARG A 31 18.43 -16.79 -10.58
C ARG A 31 19.46 -15.69 -10.70
N GLN A 32 19.93 -15.14 -9.58
CA GLN A 32 21.03 -14.18 -9.57
C GLN A 32 22.36 -14.84 -9.21
N SER A 33 22.52 -16.12 -9.58
CA SER A 33 23.78 -16.82 -9.32
C SER A 33 24.97 -16.08 -9.90
N ALA A 34 24.79 -15.38 -11.02
CA ALA A 34 25.90 -14.66 -11.65
C ALA A 34 26.22 -13.35 -10.95
N ASP A 35 25.39 -12.94 -9.99
CA ASP A 35 25.58 -11.70 -9.23
C ASP A 35 25.36 -12.04 -7.76
N PRO A 36 26.34 -12.72 -7.14
CA PRO A 36 26.10 -13.27 -5.79
C PRO A 36 25.80 -12.23 -4.74
N ALA A 37 26.36 -11.01 -4.85
CA ALA A 37 26.05 -9.98 -3.88
C ALA A 37 24.59 -9.58 -3.96
N LEU A 38 24.04 -9.50 -5.17
CA LEU A 38 22.63 -9.18 -5.31
C LEU A 38 21.77 -10.32 -4.80
N ALA A 39 22.15 -11.57 -5.09
CA ALA A 39 21.43 -12.71 -4.54
C ALA A 39 21.38 -12.65 -3.02
N ALA A 40 22.48 -12.27 -2.37
CA ALA A 40 22.51 -12.20 -0.91
C ALA A 40 21.53 -11.15 -0.38
N LYS A 41 21.44 -10.01 -1.06
CA LYS A 41 20.47 -9.00 -0.66
C LYS A 41 19.04 -9.50 -0.82
N MET A 42 18.76 -10.20 -1.93
CA MET A 42 17.44 -10.77 -2.12
C MET A 42 17.10 -11.76 -1.00
N ARG A 43 18.08 -12.56 -0.57
CA ARG A 43 17.82 -13.48 0.54
C ARG A 43 17.43 -12.73 1.80
N THR A 44 18.04 -11.57 2.06
CA THR A 44 17.62 -10.76 3.21
C THR A 44 16.17 -10.30 3.07
N VAL A 45 15.78 -9.87 1.86
CA VAL A 45 14.42 -9.42 1.63
C VAL A 45 13.41 -10.54 1.95
N ALA A 46 13.76 -11.78 1.63
CA ALA A 46 12.87 -12.92 1.83
C ALA A 46 12.48 -13.14 3.28
N GLY A 47 13.23 -12.61 4.23
CA GLY A 47 12.90 -12.76 5.63
C GLY A 47 11.95 -11.73 6.17
N GLN A 48 11.51 -10.77 5.35
CA GLN A 48 10.71 -9.65 5.84
C GLN A 48 9.21 -9.95 5.72
N PRO A 49 8.41 -9.34 6.61
CA PRO A 49 6.96 -9.58 6.63
C PRO A 49 6.23 -8.75 5.58
N THR A 50 5.32 -9.39 4.85
CA THR A 50 4.48 -8.75 3.84
C THR A 50 3.03 -9.14 4.06
N ALA A 51 2.12 -8.31 3.58
CA ALA A 51 0.71 -8.59 3.73
C ALA A 51 0.24 -9.64 2.74
N VAL A 52 -0.75 -10.42 3.15
CA VAL A 52 -1.43 -11.36 2.27
C VAL A 52 -2.67 -10.68 1.72
N TRP A 53 -2.79 -10.66 0.39
CA TRP A 53 -3.87 -9.95 -0.29
C TRP A 53 -4.99 -10.92 -0.64
N MET A 54 -6.20 -10.64 -0.14
CA MET A 54 -7.39 -11.32 -0.64
C MET A 54 -7.94 -10.49 -1.80
N ASP A 55 -7.25 -10.57 -2.94
CA ASP A 55 -7.54 -9.70 -4.07
C ASP A 55 -8.62 -10.23 -4.98
N ARG A 56 -9.23 -11.37 -4.65
CA ARG A 56 -10.35 -11.94 -5.37
C ARG A 56 -10.93 -13.03 -4.49
N ILE A 57 -12.18 -13.40 -4.77
CA ILE A 57 -12.86 -14.41 -3.97
C ILE A 57 -12.08 -15.73 -3.95
N SER A 58 -11.50 -16.10 -5.10
CA SER A 58 -10.80 -17.38 -5.17
C SER A 58 -9.56 -17.42 -4.28
N ALA A 59 -9.04 -16.27 -3.86
CA ALA A 59 -7.89 -16.27 -2.96
C ALA A 59 -8.24 -16.78 -1.58
N ILE A 60 -9.53 -16.79 -1.22
CA ILE A 60 -9.90 -17.22 0.13
C ILE A 60 -9.60 -18.70 0.31
N THR A 61 -10.02 -19.54 -0.63
CA THR A 61 -9.72 -20.96 -0.56
C THR A 61 -8.38 -21.33 -1.20
N GLY A 62 -7.92 -20.55 -2.18
CA GLY A 62 -6.64 -20.78 -2.83
C GLY A 62 -6.76 -20.82 -4.34
N ASN A 63 -5.69 -20.38 -5.01
CA ASN A 63 -5.68 -20.31 -6.48
C ASN A 63 -4.23 -20.44 -6.95
N ALA A 64 -3.98 -20.03 -8.20
CA ALA A 64 -2.64 -20.14 -8.77
C ALA A 64 -1.61 -19.26 -8.06
N ASP A 65 -2.07 -18.24 -7.33
CA ASP A 65 -1.17 -17.29 -6.68
C ASP A 65 -0.99 -17.54 -5.18
N GLY A 66 -1.75 -18.45 -4.59
CA GLY A 66 -1.64 -18.62 -3.14
C GLY A 66 -2.42 -19.82 -2.64
N ASN A 67 -2.15 -20.16 -1.39
CA ASN A 67 -2.64 -21.41 -0.81
C ASN A 67 -3.89 -21.24 0.05
N GLY A 68 -4.50 -20.06 0.05
CA GLY A 68 -5.72 -19.83 0.79
C GLY A 68 -5.48 -19.15 2.13
N LEU A 69 -6.52 -18.50 2.63
CA LEU A 69 -6.41 -17.74 3.87
C LEU A 69 -6.14 -18.64 5.08
N LYS A 70 -6.76 -19.83 5.14
CA LYS A 70 -6.55 -20.69 6.30
C LYS A 70 -5.09 -21.09 6.43
N PHE A 71 -4.43 -21.39 5.31
CA PHE A 71 -3.01 -21.70 5.30
C PHE A 71 -2.22 -20.62 6.03
N HIS A 72 -2.46 -19.35 5.70
CA HIS A 72 -1.71 -18.26 6.32
C HIS A 72 -2.05 -18.09 7.79
N LEU A 73 -3.33 -18.20 8.15
CA LEU A 73 -3.71 -18.06 9.55
C LEU A 73 -3.07 -19.16 10.40
N ASP A 74 -3.09 -20.40 9.91
CA ASP A 74 -2.42 -21.49 10.62
C ASP A 74 -0.92 -21.25 10.72
N ASN A 75 -0.28 -20.78 9.64
CA ASN A 75 1.13 -20.45 9.71
C ASN A 75 1.38 -19.36 10.74
N ALA A 76 0.51 -18.35 10.77
CA ALA A 76 0.68 -17.25 11.71
C ALA A 76 0.59 -17.72 13.15
N VAL A 77 -0.33 -18.64 13.48
CA VAL A 77 -0.34 -19.10 14.88
C VAL A 77 0.95 -19.84 15.22
N ALA A 78 1.51 -20.61 14.27
CA ALA A 78 2.77 -21.29 14.55
C ALA A 78 3.92 -20.28 14.73
N GLN A 79 3.95 -19.24 13.89
CA GLN A 79 4.99 -18.22 14.02
C GLN A 79 4.86 -17.47 15.34
N GLN A 80 3.63 -17.19 15.78
CA GLN A 80 3.43 -16.52 17.06
C GLN A 80 3.96 -17.37 18.22
N LYS A 81 3.66 -18.67 18.19
CA LYS A 81 4.18 -19.57 19.23
C LYS A 81 5.70 -19.52 19.31
N ALA A 82 6.37 -19.53 18.15
CA ALA A 82 7.83 -19.53 18.15
C ALA A 82 8.38 -18.19 18.62
N ALA A 83 7.65 -17.09 18.41
CA ALA A 83 8.11 -15.78 18.81
C ALA A 83 7.90 -15.51 20.29
N GLY A 84 6.84 -16.07 20.88
CA GLY A 84 6.58 -15.84 22.30
C GLY A 84 6.15 -14.43 22.65
N VAL A 85 5.77 -13.63 21.66
CA VAL A 85 5.25 -12.28 21.84
C VAL A 85 4.06 -12.16 20.89
N PRO A 86 3.26 -11.09 20.96
CA PRO A 86 2.15 -10.99 20.01
C PRO A 86 2.65 -10.97 18.57
N LEU A 87 1.80 -11.43 17.66
CA LEU A 87 2.10 -11.42 16.25
C LEU A 87 0.97 -10.74 15.49
N VAL A 88 1.32 -9.87 14.54
CA VAL A 88 0.37 -9.24 13.64
C VAL A 88 0.45 -9.91 12.27
N PHE A 89 -0.69 -10.41 11.80
CA PHE A 89 -0.85 -10.92 10.46
C PHE A 89 -1.48 -9.82 9.61
N ASN A 90 -0.75 -9.32 8.62
CA ASN A 90 -1.26 -8.28 7.73
C ASN A 90 -2.09 -8.91 6.61
N LEU A 91 -3.34 -8.47 6.49
CA LEU A 91 -4.31 -9.01 5.56
C LEU A 91 -4.91 -7.85 4.78
N VAL A 92 -5.00 -7.97 3.46
CA VAL A 92 -5.59 -6.90 2.64
C VAL A 92 -6.97 -7.31 2.16
N ILE A 93 -7.96 -6.49 2.51
CA ILE A 93 -9.34 -6.64 2.07
C ILE A 93 -9.47 -5.77 0.82
N TYR A 94 -9.72 -6.40 -0.33
CA TYR A 94 -9.56 -5.69 -1.61
C TYR A 94 -10.43 -6.33 -2.69
N ASP A 95 -11.76 -6.18 -2.57
CA ASP A 95 -12.63 -6.73 -3.61
C ASP A 95 -13.94 -5.98 -3.74
N LEU A 96 -13.96 -4.66 -3.49
CA LEU A 96 -15.22 -3.93 -3.53
C LEU A 96 -15.88 -4.04 -4.90
N PRO A 97 -17.22 -4.02 -4.95
CA PRO A 97 -17.90 -3.82 -6.23
C PRO A 97 -17.39 -2.55 -6.88
N GLY A 98 -17.15 -2.60 -8.19
CA GLY A 98 -16.64 -1.45 -8.90
C GLY A 98 -15.23 -1.05 -8.48
N ARG A 99 -14.43 -2.01 -8.03
CA ARG A 99 -13.09 -1.73 -7.50
C ARG A 99 -12.28 -0.89 -8.48
N ASP A 100 -11.48 0.03 -7.94
CA ASP A 100 -10.56 0.85 -8.73
C ASP A 100 -11.31 1.62 -9.83
N CYS A 101 -12.30 2.40 -9.41
CA CYS A 101 -13.23 2.99 -10.37
C CYS A 101 -12.59 3.99 -11.32
N PHE A 102 -11.60 4.65 -10.86
CA PHE A 102 -10.76 5.58 -11.75
CA PHE A 102 -10.85 5.57 -11.83
C PHE A 102 -9.85 4.87 -12.88
N ALA A 103 -9.65 3.56 -12.83
CA ALA A 103 -8.92 2.88 -13.83
C ALA A 103 -9.76 2.86 -15.09
N LEU A 104 -9.15 3.10 -16.24
CA LEU A 104 -9.98 3.03 -17.48
C LEU A 104 -9.81 1.59 -17.98
N ALA A 105 -10.56 0.71 -17.33
CA ALA A 105 -10.60 -0.72 -17.40
C ALA A 105 -11.53 -1.15 -16.28
N SER A 106 -12.04 -2.38 -16.41
CA SER A 106 -12.86 -3.01 -15.38
C SER A 106 -11.93 -3.92 -14.58
N ASN A 107 -11.32 -3.34 -13.53
CA ASN A 107 -10.29 -4.05 -12.80
C ASN A 107 -10.86 -4.97 -11.72
N GLY A 108 -12.00 -4.64 -11.14
CA GLY A 108 -12.58 -5.45 -10.07
C GLY A 108 -13.48 -6.55 -10.61
N GLU A 109 -13.39 -7.73 -10.01
CA GLU A 109 -14.21 -8.85 -10.46
C GLU A 109 -15.69 -8.68 -10.15
N LEU A 110 -16.05 -7.85 -9.17
CA LEU A 110 -17.46 -7.67 -8.83
C LEU A 110 -17.96 -6.37 -9.45
N PRO A 111 -19.05 -6.40 -10.21
CA PRO A 111 -19.56 -5.17 -10.81
C PRO A 111 -20.17 -4.27 -9.76
N ALA A 112 -20.25 -2.97 -10.11
CA ALA A 112 -20.88 -1.96 -9.28
C ALA A 112 -22.40 -2.05 -9.47
N THR A 113 -22.97 -3.11 -8.89
CA THR A 113 -24.40 -3.36 -8.92
C THR A 113 -24.80 -3.97 -7.59
N ASP A 114 -26.11 -3.98 -7.32
CA ASP A 114 -26.60 -4.64 -6.11
C ASP A 114 -26.19 -6.10 -6.06
N ALA A 115 -26.19 -6.78 -7.21
CA ALA A 115 -25.76 -8.17 -7.23
C ALA A 115 -24.29 -8.29 -6.86
N GLY A 116 -23.46 -7.36 -7.34
CA GLY A 116 -22.06 -7.37 -6.96
C GLY A 116 -21.88 -7.14 -5.48
N LEU A 117 -22.65 -6.22 -4.90
CA LEU A 117 -22.56 -5.97 -3.46
C LEU A 117 -23.03 -7.17 -2.66
N ALA A 118 -24.10 -7.84 -3.09
CA ALA A 118 -24.55 -9.02 -2.36
C ALA A 118 -23.47 -10.10 -2.36
N ARG A 119 -22.76 -10.25 -3.47
N ARG A 119 -22.74 -10.25 -3.46
CA ARG A 119 -21.65 -11.19 -3.54
CA ARG A 119 -21.65 -11.21 -3.52
C ARG A 119 -20.50 -10.76 -2.64
C ARG A 119 -20.48 -10.77 -2.66
N TYR A 120 -20.17 -9.47 -2.66
CA TYR A 120 -19.12 -8.96 -1.77
C TYR A 120 -19.41 -9.32 -0.32
N LYS A 121 -20.65 -9.15 0.11
CA LYS A 121 -21.01 -9.44 1.49
C LYS A 121 -20.95 -10.94 1.77
N SER A 122 -21.63 -11.74 0.95
N SER A 122 -21.64 -11.74 0.95
CA SER A 122 -21.87 -13.13 1.28
CA SER A 122 -21.88 -13.14 1.29
C SER A 122 -20.74 -14.07 0.87
C SER A 122 -20.74 -14.06 0.89
N GLU A 123 -20.04 -13.78 -0.22
CA GLU A 123 -19.01 -14.66 -0.74
C GLU A 123 -17.60 -14.15 -0.54
N TYR A 124 -17.44 -12.90 -0.09
CA TYR A 124 -16.11 -12.36 0.15
C TYR A 124 -15.94 -12.01 1.63
N ILE A 125 -16.66 -11.00 2.14
CA ILE A 125 -16.47 -10.62 3.53
C ILE A 125 -16.89 -11.74 4.49
N ASP A 126 -18.07 -12.33 4.27
CA ASP A 126 -18.54 -13.33 5.23
C ASP A 126 -17.57 -14.49 5.40
N PRO A 127 -17.05 -15.13 4.34
CA PRO A 127 -16.11 -16.24 4.57
C PRO A 127 -14.80 -15.79 5.18
N ILE A 128 -14.32 -14.59 4.85
CA ILE A 128 -13.12 -14.09 5.50
C ILE A 128 -13.35 -13.91 6.99
N ALA A 129 -14.45 -13.23 7.36
CA ALA A 129 -14.76 -13.02 8.76
C ALA A 129 -14.98 -14.34 9.49
N ASP A 130 -15.60 -15.30 8.83
CA ASP A 130 -15.84 -16.60 9.46
CA ASP A 130 -15.84 -16.60 9.46
C ASP A 130 -14.52 -17.28 9.81
N LEU A 131 -13.52 -17.15 8.95
CA LEU A 131 -12.20 -17.71 9.27
C LEU A 131 -11.53 -16.91 10.37
N LEU A 132 -11.55 -15.58 10.27
CA LEU A 132 -10.85 -14.75 11.24
C LEU A 132 -11.41 -14.89 12.65
N ASP A 133 -12.72 -15.17 12.76
N ASP A 133 -12.71 -15.15 12.78
CA ASP A 133 -13.40 -15.29 14.04
CA ASP A 133 -13.31 -15.26 14.10
C ASP A 133 -13.27 -16.68 14.66
C ASP A 133 -13.22 -16.66 14.70
N ASN A 134 -12.58 -17.59 14.00
CA ASN A 134 -12.43 -18.94 14.54
C ASN A 134 -11.61 -18.90 15.82
N PRO A 135 -12.04 -19.58 16.88
CA PRO A 135 -11.24 -19.56 18.12
C PRO A 135 -9.81 -20.04 17.95
N GLU A 136 -9.52 -20.80 16.89
CA GLU A 136 -8.16 -21.22 16.59
C GLU A 136 -7.20 -20.05 16.42
N TYR A 137 -7.72 -18.86 16.09
CA TYR A 137 -6.86 -17.72 15.76
C TYR A 137 -6.87 -16.64 16.83
N GLU A 138 -7.43 -16.93 18.00
CA GLU A 138 -7.44 -15.94 19.07
C GLU A 138 -6.03 -15.57 19.54
N SER A 139 -5.05 -16.42 19.28
CA SER A 139 -3.68 -16.18 19.73
C SER A 139 -2.89 -15.26 18.81
N ILE A 140 -3.47 -14.79 17.70
CA ILE A 140 -2.80 -13.85 16.82
C ILE A 140 -3.65 -12.58 16.71
N ARG A 141 -3.03 -11.54 16.16
CA ARG A 141 -3.71 -10.31 15.82
C ARG A 141 -3.71 -10.17 14.31
N ILE A 142 -4.79 -9.65 13.75
CA ILE A 142 -4.91 -9.43 12.31
C ILE A 142 -5.04 -7.93 12.09
N ALA A 143 -4.10 -7.36 11.32
CA ALA A 143 -4.22 -5.98 10.87
C ALA A 143 -4.80 -6.03 9.47
N ALA A 144 -6.04 -5.63 9.34
CA ALA A 144 -6.75 -5.69 8.06
C ALA A 144 -6.63 -4.32 7.40
N THR A 145 -5.90 -4.26 6.28
CA THR A 145 -5.89 -3.06 5.46
C THR A 145 -7.18 -3.05 4.63
N ILE A 146 -8.01 -2.02 4.82
CA ILE A 146 -9.38 -2.02 4.31
C ILE A 146 -9.41 -1.26 2.98
N GLU A 147 -9.49 -2.01 1.89
CA GLU A 147 -9.87 -1.57 0.54
C GLU A 147 -9.02 -0.42 0.01
N PRO A 148 -7.77 -0.71 -0.37
CA PRO A 148 -6.96 0.29 -1.08
C PRO A 148 -7.69 0.82 -2.31
N ASP A 149 -7.38 2.07 -2.67
CA ASP A 149 -7.89 2.68 -3.90
C ASP A 149 -9.41 2.71 -3.94
N SER A 150 -10.06 3.05 -2.82
CA SER A 150 -11.51 3.07 -2.78
C SER A 150 -12.07 4.46 -2.45
N LEU A 151 -12.32 4.73 -1.17
CA LEU A 151 -13.12 5.89 -0.78
C LEU A 151 -12.63 7.23 -1.33
N PRO A 152 -11.34 7.53 -1.37
CA PRO A 152 -10.93 8.86 -1.88
C PRO A 152 -11.23 9.09 -3.35
N ASN A 153 -11.56 8.05 -4.12
CA ASN A 153 -12.05 8.28 -5.47
C ASN A 153 -13.34 9.08 -5.45
N LEU A 154 -14.09 9.02 -4.35
CA LEU A 154 -15.40 9.66 -4.31
C LEU A 154 -15.32 11.17 -4.12
N THR A 155 -14.15 11.69 -3.74
CA THR A 155 -13.96 13.12 -3.57
C THR A 155 -12.97 13.73 -4.54
N THR A 156 -12.28 12.92 -5.35
CA THR A 156 -11.34 13.41 -6.33
C THR A 156 -11.66 12.98 -7.75
N ASN A 157 -12.31 11.83 -7.93
CA ASN A 157 -12.48 11.22 -9.24
C ASN A 157 -13.95 10.98 -9.57
N ILE A 158 -14.86 11.70 -8.91
CA ILE A 158 -16.28 11.49 -9.07
C ILE A 158 -16.79 11.97 -10.43
N SER A 159 -15.94 12.66 -11.21
CA SER A 159 -16.30 13.03 -12.57
C SER A 159 -16.30 11.82 -13.50
N GLU A 160 -15.72 10.71 -13.07
N GLU A 160 -15.71 10.70 -13.09
CA GLU A 160 -15.76 9.48 -13.86
CA GLU A 160 -15.75 9.49 -13.88
C GLU A 160 -17.05 8.74 -13.58
C GLU A 160 -17.04 8.72 -13.59
N PRO A 161 -17.85 8.41 -14.60
CA PRO A 161 -19.11 7.68 -14.34
C PRO A 161 -18.93 6.40 -13.53
N ALA A 162 -17.83 5.67 -13.76
CA ALA A 162 -17.60 4.45 -12.99
C ALA A 162 -17.49 4.73 -11.50
N CYS A 163 -16.92 5.90 -11.13
CA CYS A 163 -16.83 6.24 -9.72
C CYS A 163 -18.17 6.68 -9.15
N GLN A 164 -19.00 7.37 -9.95
CA GLN A 164 -20.37 7.65 -9.54
C GLN A 164 -21.12 6.35 -9.28
N GLN A 165 -20.98 5.39 -10.19
CA GLN A 165 -21.66 4.11 -10.04
C GLN A 165 -21.16 3.36 -8.81
N ALA A 166 -19.86 3.46 -8.53
CA ALA A 166 -19.26 2.70 -7.44
C ALA A 166 -19.54 3.32 -6.09
N ALA A 167 -19.79 4.63 -6.04
CA ALA A 167 -19.90 5.37 -4.78
C ALA A 167 -20.80 4.72 -3.74
N PRO A 168 -22.06 4.39 -4.02
CA PRO A 168 -22.87 3.77 -2.97
C PRO A 168 -22.33 2.42 -2.53
N TYR A 169 -21.67 1.69 -3.42
CA TYR A 169 -21.13 0.38 -3.07
C TYR A 169 -19.84 0.49 -2.27
N TYR A 170 -19.02 1.51 -2.52
CA TYR A 170 -17.87 1.72 -1.65
C TYR A 170 -18.32 2.06 -0.24
N ARG A 171 -19.31 2.94 -0.12
CA ARG A 171 -19.78 3.32 1.21
C ARG A 171 -20.40 2.12 1.93
N GLN A 172 -21.28 1.39 1.25
N GLN A 172 -21.29 1.39 1.25
CA GLN A 172 -21.96 0.28 1.90
CA GLN A 172 -21.96 0.28 1.91
C GLN A 172 -21.04 -0.91 2.10
C GLN A 172 -21.02 -0.90 2.11
N GLY A 173 -20.14 -1.14 1.15
CA GLY A 173 -19.21 -2.26 1.27
C GLY A 173 -18.19 -2.05 2.35
N VAL A 174 -17.64 -0.83 2.45
CA VAL A 174 -16.68 -0.55 3.51
C VAL A 174 -17.38 -0.62 4.87
N LYS A 175 -18.61 -0.09 4.98
CA LYS A 175 -19.37 -0.23 6.22
C LYS A 175 -19.51 -1.70 6.61
N TYR A 176 -19.86 -2.56 5.65
CA TYR A 176 -20.06 -3.97 5.96
C TYR A 176 -18.77 -4.63 6.41
N ALA A 177 -17.66 -4.35 5.68
CA ALA A 177 -16.36 -4.89 6.07
C ALA A 177 -16.00 -4.47 7.48
N LEU A 178 -16.14 -3.17 7.78
CA LEU A 178 -15.81 -2.66 9.10
C LEU A 178 -16.69 -3.28 10.18
N ASP A 179 -18.01 -3.38 9.91
CA ASP A 179 -18.92 -3.95 10.91
C ASP A 179 -18.54 -5.40 11.22
N LYS A 180 -18.31 -6.20 10.18
CA LYS A 180 -18.01 -7.61 10.38
C LYS A 180 -16.65 -7.82 11.03
N LEU A 181 -15.65 -7.05 10.60
CA LEU A 181 -14.30 -7.26 11.10
C LEU A 181 -14.11 -6.66 12.49
N HIS A 182 -14.68 -5.48 12.74
CA HIS A 182 -14.53 -4.89 14.06
C HIS A 182 -15.19 -5.74 15.15
N ALA A 183 -16.21 -6.53 14.80
CA ALA A 183 -16.82 -7.42 15.78
C ALA A 183 -15.89 -8.52 16.27
N ILE A 184 -14.75 -8.72 15.61
CA ILE A 184 -13.78 -9.74 15.97
C ILE A 184 -12.68 -9.05 16.78
N PRO A 185 -12.52 -9.36 18.07
CA PRO A 185 -11.70 -8.50 18.94
C PRO A 185 -10.23 -8.46 18.60
N ASN A 186 -9.69 -9.47 17.93
CA ASN A 186 -8.28 -9.47 17.56
C ASN A 186 -8.04 -8.97 16.14
N VAL A 187 -9.05 -8.37 15.50
CA VAL A 187 -8.89 -7.74 14.20
C VAL A 187 -8.81 -6.24 14.39
N TYR A 188 -7.85 -5.61 13.71
CA TYR A 188 -7.55 -4.18 13.79
C TYR A 188 -7.69 -3.63 12.38
N ASN A 189 -8.61 -2.68 12.20
CA ASN A 189 -8.96 -2.19 10.88
C ASN A 189 -8.20 -0.92 10.57
N TYR A 190 -7.41 -0.96 9.50
CA TYR A 190 -6.65 0.20 9.02
C TYR A 190 -7.23 0.61 7.67
N ILE A 191 -7.93 1.74 7.65
CA ILE A 191 -8.55 2.25 6.44
C ILE A 191 -7.48 2.83 5.53
N ASP A 192 -7.53 2.50 4.24
CA ASP A 192 -6.58 3.04 3.30
C ASP A 192 -6.82 4.54 3.08
N ILE A 193 -5.74 5.31 3.04
CA ILE A 193 -5.86 6.76 2.84
C ILE A 193 -5.05 7.25 1.63
N GLY A 194 -4.89 6.41 0.62
CA GLY A 194 -4.17 6.88 -0.55
C GLY A 194 -2.75 7.27 -0.18
N HIS A 195 -2.27 8.36 -0.79
CA HIS A 195 -0.92 8.84 -0.53
C HIS A 195 -0.89 10.34 -0.85
N SER A 196 0.23 10.98 -0.53
CA SER A 196 0.28 12.43 -0.66
C SER A 196 0.16 12.89 -2.12
N GLY A 197 0.61 12.10 -3.07
CA GLY A 197 0.51 12.48 -4.47
C GLY A 197 -0.91 12.41 -5.03
N TRP A 198 -1.86 11.94 -4.22
CA TRP A 198 -3.26 11.90 -4.58
C TRP A 198 -4.09 12.86 -3.73
N LEU A 199 -3.85 12.89 -2.42
CA LEU A 199 -4.73 13.57 -1.50
C LEU A 199 -4.04 14.67 -0.68
N GLY A 200 -2.79 15.02 -0.98
CA GLY A 200 -2.08 15.97 -0.14
C GLY A 200 -2.61 17.39 -0.20
N TRP A 201 -3.19 17.79 -1.34
CA TRP A 201 -3.79 19.11 -1.46
C TRP A 201 -4.90 19.28 -0.43
N ASP A 202 -4.97 20.47 0.18
CA ASP A 202 -6.05 20.77 1.12
C ASP A 202 -7.42 20.47 0.50
N SER A 203 -7.59 20.81 -0.78
N SER A 203 -7.60 20.80 -0.78
CA SER A 203 -8.86 20.60 -1.48
CA SER A 203 -8.90 20.61 -1.41
C SER A 203 -9.26 19.14 -1.53
C SER A 203 -9.27 19.13 -1.57
N ASN A 204 -8.30 18.22 -1.45
CA ASN A 204 -8.58 16.79 -1.46
C ASN A 204 -8.51 16.16 -0.07
N ALA A 205 -7.55 16.57 0.74
CA ALA A 205 -7.39 16.00 2.07
C ALA A 205 -8.60 16.27 2.94
N GLY A 206 -9.10 17.50 2.93
CA GLY A 206 -10.20 17.90 3.77
C GLY A 206 -11.47 17.11 3.52
N PRO A 207 -11.97 17.14 2.28
CA PRO A 207 -13.16 16.34 1.96
C PRO A 207 -12.98 14.86 2.21
N SER A 208 -11.76 14.34 2.02
CA SER A 208 -11.54 12.93 2.29
C SER A 208 -11.68 12.62 3.77
N ALA A 209 -11.11 13.45 4.64
CA ALA A 209 -11.26 13.23 6.08
C ALA A 209 -12.73 13.25 6.49
N THR A 210 -13.50 14.20 5.96
CA THR A 210 -14.93 14.26 6.26
C THR A 210 -15.63 12.99 5.81
N LEU A 211 -15.31 12.49 4.62
N LEU A 211 -15.33 12.52 4.59
CA LEU A 211 -15.95 11.27 4.13
CA LEU A 211 -15.89 11.27 4.09
C LEU A 211 -15.60 10.06 5.00
C LEU A 211 -15.60 10.11 5.05
N PHE A 212 -14.35 9.97 5.45
CA PHE A 212 -13.98 8.90 6.37
C PHE A 212 -14.79 8.96 7.66
N ALA A 213 -15.02 10.17 8.18
CA ALA A 213 -15.84 10.29 9.38
C ALA A 213 -17.28 9.87 9.12
N GLU A 214 -17.84 10.23 7.95
CA GLU A 214 -19.19 9.78 7.61
C GLU A 214 -19.25 8.25 7.59
N VAL A 215 -18.26 7.62 6.99
CA VAL A 215 -18.24 6.16 6.95
C VAL A 215 -18.17 5.59 8.37
N ALA A 216 -17.29 6.15 9.20
CA ALA A 216 -17.22 5.70 10.59
C ALA A 216 -18.59 5.79 11.27
N LYS A 217 -19.26 6.94 11.14
CA LYS A 217 -20.53 7.14 11.81
C LYS A 217 -21.63 6.23 11.28
N SER A 218 -21.47 5.68 10.07
CA SER A 218 -22.43 4.75 9.51
C SER A 218 -22.28 3.33 10.06
N THR A 219 -21.16 3.01 10.69
CA THR A 219 -20.95 1.66 11.21
C THR A 219 -21.69 1.50 12.54
N THR A 220 -21.89 0.23 12.92
N THR A 220 -21.89 0.24 12.96
CA THR A 220 -22.53 -0.10 14.18
CA THR A 220 -22.60 0.04 14.22
C THR A 220 -21.77 0.51 15.36
C THR A 220 -21.78 0.50 15.42
N ALA A 221 -20.45 0.38 15.37
CA ALA A 221 -19.62 0.80 16.49
C ALA A 221 -19.12 2.24 16.37
N GLY A 222 -19.45 2.93 15.29
CA GLY A 222 -19.01 4.32 15.15
C GLY A 222 -17.51 4.40 14.96
N PHE A 223 -16.89 5.39 15.61
CA PHE A 223 -15.47 5.63 15.41
C PHE A 223 -14.62 4.45 15.86
N ALA A 224 -15.10 3.65 16.81
CA ALA A 224 -14.33 2.49 17.26
C ALA A 224 -14.11 1.45 16.15
N SER A 225 -14.89 1.52 15.07
N SER A 225 -14.90 1.51 15.07
CA SER A 225 -14.77 0.54 13.99
CA SER A 225 -14.75 0.53 14.00
C SER A 225 -13.46 0.66 13.22
C SER A 225 -13.42 0.63 13.27
N ILE A 226 -12.78 1.79 13.32
CA ILE A 226 -11.55 2.06 12.57
C ILE A 226 -10.43 2.29 13.57
N ASP A 227 -9.44 1.40 13.56
CA ASP A 227 -8.33 1.52 14.50
C ASP A 227 -7.27 2.50 14.03
N GLY A 228 -7.12 2.67 12.71
CA GLY A 228 -6.10 3.54 12.19
C GLY A 228 -6.21 3.63 10.69
N PHE A 229 -5.17 4.19 10.08
CA PHE A 229 -5.16 4.50 8.66
C PHE A 229 -3.80 4.13 8.08
N VAL A 230 -3.78 3.73 6.80
CA VAL A 230 -2.55 3.31 6.15
C VAL A 230 -2.38 4.05 4.83
N SER A 231 -1.20 4.63 4.62
CA SER A 231 -0.90 5.36 3.40
C SER A 231 0.15 4.63 2.55
N ASP A 232 0.18 5.00 1.27
CA ASP A 232 1.19 4.57 0.31
C ASP A 232 1.04 3.11 -0.10
N VAL A 233 -0.11 2.46 0.20
CA VAL A 233 -0.16 1.04 -0.16
C VAL A 233 -0.07 0.85 -1.66
N ALA A 234 0.85 -0.02 -2.04
CA ALA A 234 1.15 -0.33 -3.43
C ALA A 234 1.65 0.86 -4.22
N ASN A 235 2.02 1.95 -3.56
CA ASN A 235 2.56 3.13 -4.22
C ASN A 235 4.02 3.30 -3.87
N THR A 236 4.60 4.39 -4.34
CA THR A 236 6.04 4.62 -4.25
C THR A 236 6.40 5.99 -3.70
N THR A 237 5.44 6.79 -3.28
CA THR A 237 5.77 8.12 -2.80
C THR A 237 6.73 8.01 -1.62
N PRO A 238 7.83 8.77 -1.61
CA PRO A 238 8.86 8.52 -0.59
C PRO A 238 8.38 8.75 0.82
N LEU A 239 9.02 8.05 1.74
CA LEU A 239 8.78 8.28 3.16
C LEU A 239 9.14 9.72 3.52
N GLU A 240 10.32 10.17 3.12
CA GLU A 240 10.76 11.54 3.32
C GLU A 240 11.49 12.01 2.06
N GLU A 241 11.36 13.29 1.77
CA GLU A 241 12.21 13.94 0.78
C GLU A 241 13.34 14.64 1.53
N PRO A 242 14.53 14.05 1.63
CA PRO A 242 15.55 14.60 2.53
C PRO A 242 16.10 15.94 2.12
N LEU A 243 16.17 16.21 0.81
CA LEU A 243 16.70 17.47 0.32
C LEU A 243 15.60 18.52 0.20
N LEU A 244 14.38 18.09 -0.10
CA LEU A 244 13.24 19.00 -0.21
C LEU A 244 12.39 18.92 1.06
N SER A 245 13.01 19.29 2.17
CA SER A 245 12.42 19.13 3.50
C SER A 245 11.52 20.27 3.90
N ASP A 246 11.42 21.32 3.10
CA ASP A 246 10.63 22.51 3.41
C ASP A 246 9.74 22.81 2.21
N SER A 247 8.49 22.33 2.25
CA SER A 247 7.62 22.52 1.10
C SER A 247 7.11 23.95 0.97
N SER A 248 7.40 24.82 1.92
N SER A 248 7.41 24.82 1.91
CA SER A 248 7.08 26.23 1.80
CA SER A 248 7.08 26.23 1.79
C SER A 248 8.24 27.06 1.25
C SER A 248 8.21 27.05 1.19
N LEU A 249 9.36 26.42 0.93
CA LEU A 249 10.52 27.16 0.42
C LEU A 249 10.17 27.89 -0.86
N THR A 250 10.55 29.16 -0.91
CA THR A 250 10.40 29.97 -2.10
C THR A 250 11.78 30.39 -2.57
N ILE A 251 11.98 30.36 -3.88
CA ILE A 251 13.22 30.76 -4.53
C ILE A 251 12.88 31.92 -5.45
N ASN A 252 13.44 33.09 -5.15
N ASN A 252 13.44 33.09 -5.16
CA ASN A 252 13.19 34.30 -5.91
CA ASN A 252 13.18 34.29 -5.95
C ASN A 252 11.68 34.56 -6.07
C ASN A 252 11.67 34.54 -6.08
N ASN A 253 10.98 34.50 -4.94
CA ASN A 253 9.53 34.75 -4.89
C ASN A 253 8.73 33.73 -5.70
N THR A 254 9.23 32.51 -5.86
CA THR A 254 8.49 31.44 -6.52
C THR A 254 8.49 30.22 -5.61
N PRO A 255 7.33 29.75 -5.16
CA PRO A 255 7.30 28.56 -4.28
C PRO A 255 7.73 27.32 -5.03
N ILE A 256 8.62 26.53 -4.40
CA ILE A 256 9.02 25.27 -5.05
C ILE A 256 7.84 24.33 -5.20
N ARG A 257 6.81 24.45 -4.35
CA ARG A 257 5.64 23.60 -4.50
C ARG A 257 4.89 23.87 -5.81
N SER A 258 5.10 25.03 -6.43
CA SER A 258 4.47 25.32 -7.71
C SER A 258 5.16 24.64 -8.88
N SER A 259 6.23 23.89 -8.62
CA SER A 259 6.89 23.10 -9.66
C SER A 259 5.89 22.15 -10.33
N LYS A 260 6.22 21.77 -11.57
CA LYS A 260 5.44 20.80 -12.32
C LYS A 260 5.24 19.51 -11.52
N PHE A 261 6.25 19.09 -10.77
CA PHE A 261 6.13 17.82 -10.07
C PHE A 261 5.13 17.90 -8.92
N TYR A 262 5.04 19.04 -8.24
CA TYR A 262 4.22 19.08 -7.04
C TYR A 262 2.86 19.74 -7.22
N GLU A 263 2.67 20.58 -8.24
CA GLU A 263 1.33 21.10 -8.57
C GLU A 263 0.68 21.79 -7.36
N TRP A 264 1.49 22.54 -6.61
CA TRP A 264 1.09 23.35 -5.44
C TRP A 264 0.83 22.55 -4.16
N ASN A 265 1.02 21.23 -4.18
CA ASN A 265 0.84 20.39 -3.00
C ASN A 265 1.92 20.70 -1.96
N PHE A 266 1.51 20.83 -0.69
CA PHE A 266 2.47 21.02 0.40
C PHE A 266 3.03 19.69 0.94
N ASP A 267 2.46 18.55 0.56
CA ASP A 267 2.87 17.26 1.12
C ASP A 267 3.73 16.57 0.08
N PHE A 268 5.05 16.62 0.29
CA PHE A 268 6.02 16.03 -0.61
C PHE A 268 6.34 14.57 -0.26
N ASP A 269 5.89 14.08 0.89
CA ASP A 269 6.28 12.75 1.33
C ASP A 269 5.24 12.24 2.32
N GLU A 270 5.41 10.98 2.70
CA GLU A 270 4.38 10.31 3.48
C GLU A 270 4.47 10.60 4.97
N ILE A 271 5.65 10.95 5.48
CA ILE A 271 5.73 11.45 6.85
C ILE A 271 4.88 12.70 6.99
N ASP A 272 5.03 13.65 6.08
CA ASP A 272 4.24 14.87 6.16
C ASP A 272 2.76 14.58 5.92
N TYR A 273 2.46 13.66 5.00
CA TYR A 273 1.08 13.34 4.68
C TYR A 273 0.36 12.69 5.86
N THR A 274 1.01 11.73 6.53
CA THR A 274 0.37 11.10 7.68
C THR A 274 0.15 12.09 8.83
N ALA A 275 1.08 13.02 9.04
CA ALA A 275 0.86 14.05 10.05
C ALA A 275 -0.32 14.93 9.68
N HIS A 276 -0.41 15.30 8.40
CA HIS A 276 -1.49 16.13 7.90
C HIS A 276 -2.84 15.45 8.07
N MET A 277 -2.93 14.18 7.64
CA MET A 277 -4.20 13.48 7.71
C MET A 277 -4.58 13.15 9.16
N HIS A 278 -3.60 12.83 10.01
CA HIS A 278 -3.95 12.61 11.42
C HIS A 278 -4.65 13.82 11.99
N ARG A 279 -4.12 15.03 11.74
N ARG A 279 -4.15 15.02 11.69
CA ARG A 279 -4.75 16.25 12.20
CA ARG A 279 -4.75 16.25 12.22
C ARG A 279 -6.18 16.35 11.68
C ARG A 279 -6.15 16.48 11.66
N LEU A 280 -6.35 16.22 10.36
CA LEU A 280 -7.67 16.43 9.77
C LEU A 280 -8.66 15.36 10.23
N LEU A 281 -8.21 14.11 10.37
CA LEU A 281 -9.11 13.06 10.80
C LEU A 281 -9.59 13.31 12.23
N VAL A 282 -8.69 13.72 13.12
CA VAL A 282 -9.10 14.04 14.48
C VAL A 282 -10.10 15.20 14.48
N ALA A 283 -9.80 16.24 13.71
CA ALA A 283 -10.71 17.37 13.62
C ALA A 283 -12.08 16.96 13.09
N ALA A 284 -12.11 15.95 12.22
CA ALA A 284 -13.36 15.47 11.63
C ALA A 284 -14.15 14.55 12.56
N GLY A 285 -13.59 14.15 13.70
CA GLY A 285 -14.34 13.40 14.67
C GLY A 285 -13.64 12.16 15.21
N PHE A 286 -12.52 11.75 14.60
CA PHE A 286 -11.82 10.57 15.07
C PHE A 286 -11.10 10.88 16.37
N PRO A 287 -10.96 9.89 17.26
CA PRO A 287 -10.21 10.11 18.49
C PRO A 287 -8.72 10.27 18.19
N SER A 288 -8.04 11.06 19.02
CA SER A 288 -6.62 11.31 18.79
C SER A 288 -5.78 10.04 18.83
N SER A 289 -6.31 8.96 19.41
N SER A 289 -6.31 8.96 19.42
CA SER A 289 -5.60 7.69 19.55
CA SER A 289 -5.59 7.69 19.55
C SER A 289 -5.51 6.90 18.26
C SER A 289 -5.43 6.95 18.24
N ILE A 290 -6.10 7.37 17.15
CA ILE A 290 -5.90 6.69 15.88
C ILE A 290 -4.42 6.69 15.53
N GLY A 291 -3.95 5.59 14.97
CA GLY A 291 -2.56 5.45 14.54
C GLY A 291 -2.44 5.30 13.05
N MET A 292 -1.25 5.55 12.53
CA MET A 292 -1.00 5.57 11.09
C MET A 292 0.04 4.52 10.73
N LEU A 293 -0.12 3.97 9.53
CA LEU A 293 0.86 3.09 8.93
C LEU A 293 1.31 3.67 7.59
N VAL A 294 2.56 3.42 7.21
CA VAL A 294 3.01 3.68 5.84
C VAL A 294 3.50 2.37 5.25
N ASP A 295 3.02 2.04 4.04
CA ASP A 295 3.56 0.94 3.25
C ASP A 295 4.89 1.40 2.67
N THR A 296 5.98 0.87 3.21
CA THR A 296 7.33 1.24 2.80
C THR A 296 7.95 0.21 1.83
N SER A 297 7.11 -0.63 1.23
CA SER A 297 7.60 -1.73 0.40
C SER A 297 8.43 -1.24 -0.78
N ARG A 298 8.03 -0.12 -1.40
CA ARG A 298 8.62 0.25 -2.68
C ARG A 298 8.85 1.75 -2.80
N ASN A 299 9.06 2.45 -1.68
CA ASN A 299 9.15 3.91 -1.68
C ASN A 299 10.54 4.42 -1.31
N GLY A 300 11.57 3.57 -1.41
CA GLY A 300 12.91 3.97 -0.99
C GLY A 300 13.61 4.95 -1.93
N TRP A 301 13.42 4.78 -3.24
CA TRP A 301 14.07 5.65 -4.24
C TRP A 301 15.58 5.79 -4.00
N GLY A 302 16.25 4.64 -3.90
CA GLY A 302 17.68 4.59 -3.72
C GLY A 302 18.42 4.27 -5.00
N GLY A 303 19.62 3.74 -4.84
CA GLY A 303 20.46 3.45 -5.98
C GLY A 303 21.21 4.67 -6.46
N PRO A 304 21.94 4.53 -7.57
CA PRO A 304 22.82 5.61 -8.02
C PRO A 304 22.09 6.87 -8.47
N ASN A 305 20.80 6.79 -8.80
CA ASN A 305 20.08 7.98 -9.24
C ASN A 305 19.57 8.84 -8.08
N ARG A 306 19.72 8.39 -6.85
CA ARG A 306 19.23 9.17 -5.72
C ARG A 306 20.14 10.37 -5.49
N PRO A 307 19.63 11.60 -5.50
CA PRO A 307 20.50 12.74 -5.21
C PRO A 307 20.96 12.68 -3.76
N THR A 308 22.21 13.07 -3.55
CA THR A 308 22.84 12.97 -2.23
C THR A 308 23.11 14.32 -1.59
N SER A 309 23.01 15.41 -2.34
CA SER A 309 23.17 16.74 -1.79
C SER A 309 22.40 17.71 -2.66
N ILE A 310 22.14 18.91 -2.11
CA ILE A 310 21.33 19.88 -2.81
C ILE A 310 22.09 20.42 -4.02
N THR A 311 21.48 20.31 -5.19
CA THR A 311 21.98 20.96 -6.39
C THR A 311 21.36 22.34 -6.46
N ALA A 312 22.20 23.37 -6.52
CA ALA A 312 21.69 24.74 -6.51
C ALA A 312 21.05 25.07 -7.85
N SER A 313 19.96 25.83 -7.79
CA SER A 313 19.32 26.33 -9.00
C SER A 313 18.45 27.52 -8.65
N THR A 314 18.36 28.46 -9.61
CA THR A 314 17.46 29.61 -9.53
C THR A 314 16.07 29.31 -10.05
N ASP A 315 15.89 28.17 -10.72
CA ASP A 315 14.64 27.80 -11.37
C ASP A 315 13.97 26.71 -10.54
N VAL A 316 12.68 26.90 -10.20
CA VAL A 316 12.05 25.98 -9.25
C VAL A 316 11.94 24.57 -9.82
N ASN A 317 11.70 24.45 -11.13
CA ASN A 317 11.55 23.11 -11.71
C ASN A 317 12.90 22.39 -11.76
N ALA A 318 13.96 23.08 -12.17
CA ALA A 318 15.28 22.47 -12.13
C ALA A 318 15.67 22.11 -10.71
N TYR A 319 15.33 22.98 -9.75
CA TYR A 319 15.65 22.71 -8.35
C TYR A 319 14.93 21.46 -7.87
N VAL A 320 13.62 21.39 -8.11
CA VAL A 320 12.85 20.24 -7.66
C VAL A 320 13.30 18.98 -8.39
N ASP A 321 13.52 19.07 -9.70
CA ASP A 321 13.83 17.87 -10.48
C ASP A 321 15.22 17.33 -10.14
N ALA A 322 16.15 18.20 -9.75
CA ALA A 322 17.48 17.72 -9.38
C ALA A 322 17.51 17.17 -7.96
N ASN A 323 16.61 17.62 -7.09
CA ASN A 323 16.71 17.35 -5.67
C ASN A 323 15.67 16.37 -5.13
N ARG A 324 14.64 16.04 -5.89
CA ARG A 324 13.65 15.07 -5.43
C ARG A 324 14.19 13.65 -5.54
N VAL A 325 13.91 12.83 -4.53
CA VAL A 325 14.28 11.42 -4.62
C VAL A 325 13.25 10.64 -5.41
N ASP A 326 11.97 11.03 -5.36
CA ASP A 326 10.97 10.40 -6.21
C ASP A 326 11.31 10.75 -7.66
N ARG A 327 11.70 9.73 -8.44
CA ARG A 327 12.15 9.95 -9.81
C ARG A 327 11.06 9.71 -10.85
N ARG A 328 9.81 9.57 -10.42
CA ARG A 328 8.74 9.34 -11.37
C ARG A 328 8.54 10.53 -12.30
N VAL A 329 7.90 10.26 -13.44
CA VAL A 329 7.50 11.32 -14.35
C VAL A 329 6.51 12.26 -13.67
N HIS A 330 5.64 11.71 -12.82
CA HIS A 330 4.52 12.43 -12.23
C HIS A 330 4.04 11.60 -11.05
N ARG A 331 3.56 12.26 -10.01
CA ARG A 331 3.21 11.57 -8.78
C ARG A 331 1.96 10.72 -8.90
N GLY A 332 1.22 10.83 -10.00
CA GLY A 332 0.07 10.00 -10.27
C GLY A 332 0.39 8.66 -10.91
N ALA A 333 1.68 8.38 -11.14
CA ALA A 333 2.09 7.17 -11.84
C ALA A 333 2.11 6.02 -10.83
N TRP A 334 1.02 5.24 -10.82
CA TRP A 334 0.85 4.20 -9.82
C TRP A 334 1.26 2.82 -10.31
N CYS A 335 1.40 2.61 -11.62
CA CYS A 335 1.56 1.26 -12.15
C CYS A 335 3.02 1.01 -12.54
N ASN A 336 3.70 0.17 -11.75
CA ASN A 336 5.07 -0.26 -12.02
C ASN A 336 5.98 0.89 -12.47
N PRO A 337 6.02 2.02 -11.77
CA PRO A 337 6.90 3.11 -12.24
C PRO A 337 8.35 2.68 -12.28
N LEU A 338 9.03 3.06 -13.35
CA LEU A 338 10.43 2.68 -13.52
C LEU A 338 11.29 3.28 -12.40
N GLY A 339 12.24 2.49 -11.91
CA GLY A 339 13.28 2.97 -11.04
C GLY A 339 12.99 2.91 -9.55
N ALA A 340 11.80 2.47 -9.15
CA ALA A 340 11.46 2.42 -7.74
C ALA A 340 12.33 1.41 -6.99
N GLY A 341 12.57 1.70 -5.71
CA GLY A 341 13.34 0.82 -4.86
C GLY A 341 12.63 0.53 -3.56
N ILE A 342 13.02 -0.59 -2.95
CA ILE A 342 12.49 -0.98 -1.64
C ILE A 342 12.81 0.10 -0.61
N GLY A 343 11.89 0.33 0.31
CA GLY A 343 12.06 1.31 1.37
C GLY A 343 12.45 0.69 2.71
N ARG A 344 12.10 1.38 3.79
CA ARG A 344 12.43 0.91 5.13
C ARG A 344 11.82 -0.45 5.41
N PHE A 345 12.58 -1.31 6.06
CA PHE A 345 12.05 -2.61 6.45
C PHE A 345 10.92 -2.42 7.46
N PRO A 346 9.96 -3.34 7.48
CA PRO A 346 8.88 -3.24 8.47
C PRO A 346 9.41 -3.12 9.89
N GLU A 347 8.73 -2.30 10.70
CA GLU A 347 9.26 -1.93 12.00
C GLU A 347 8.14 -1.37 12.86
N ALA A 348 8.01 -1.86 14.08
CA ALA A 348 7.02 -1.33 15.00
C ALA A 348 7.46 0.04 15.51
N THR A 349 6.49 0.93 15.69
CA THR A 349 6.65 2.24 16.34
C THR A 349 7.98 2.92 15.99
N PRO A 350 8.23 3.20 14.70
CA PRO A 350 9.50 3.84 14.33
C PRO A 350 9.63 5.21 14.99
N SER A 351 10.85 5.54 15.40
N SER A 351 10.85 5.54 15.40
CA SER A 351 11.11 6.76 16.13
CA SER A 351 11.12 6.76 16.14
C SER A 351 11.41 7.91 15.18
C SER A 351 11.47 7.90 15.20
N GLY A 352 11.30 9.13 15.70
CA GLY A 352 11.71 10.33 15.00
C GLY A 352 10.62 11.06 14.24
N TYR A 353 9.38 10.59 14.29
CA TYR A 353 8.29 11.13 13.48
C TYR A 353 7.03 11.32 14.33
N ALA A 354 7.16 12.00 15.48
CA ALA A 354 6.09 12.04 16.46
C ALA A 354 4.76 12.51 15.87
N ALA A 355 4.81 13.55 15.04
CA ALA A 355 3.55 14.12 14.55
C ALA A 355 2.83 13.20 13.57
N SER A 356 3.48 12.15 13.08
CA SER A 356 2.85 11.23 12.16
C SER A 356 2.10 10.12 12.87
N HIS A 357 2.27 9.97 14.18
CA HIS A 357 1.52 8.98 14.97
C HIS A 357 1.60 7.58 14.36
N LEU A 358 2.83 7.13 14.09
CA LEU A 358 3.04 5.89 13.35
C LEU A 358 3.00 4.67 14.27
N ASP A 359 2.07 3.76 13.99
CA ASP A 359 2.07 2.47 14.68
C ASP A 359 3.20 1.58 14.22
N ALA A 360 3.56 1.66 12.93
CA ALA A 360 4.53 0.77 12.30
C ALA A 360 4.77 1.23 10.87
N PHE A 361 5.94 0.83 10.35
CA PHE A 361 6.13 0.68 8.91
C PHE A 361 5.83 -0.76 8.55
N VAL A 362 5.16 -0.96 7.42
CA VAL A 362 4.71 -2.27 6.98
C VAL A 362 5.00 -2.39 5.49
N TRP A 363 5.11 -3.63 5.01
CA TRP A 363 5.14 -3.93 3.58
C TRP A 363 3.78 -4.51 3.24
N ILE A 364 2.87 -3.66 2.77
CA ILE A 364 1.56 -4.15 2.38
C ILE A 364 1.63 -4.78 0.99
N LYS A 365 2.01 -4.00 -0.01
CA LYS A 365 2.34 -4.59 -1.31
C LYS A 365 3.59 -5.45 -1.15
N PRO A 366 3.62 -6.69 -1.65
CA PRO A 366 4.85 -7.51 -1.56
C PRO A 366 5.81 -7.16 -2.67
N PRO A 367 7.03 -6.72 -2.34
CA PRO A 367 7.99 -6.38 -3.40
C PRO A 367 8.19 -7.54 -4.37
N GLY A 368 8.19 -7.21 -5.65
CA GLY A 368 8.33 -8.20 -6.71
C GLY A 368 7.04 -8.53 -7.43
N GLU A 369 5.89 -8.29 -6.80
CA GLU A 369 4.62 -8.54 -7.47
C GLU A 369 4.24 -7.36 -8.35
N SER A 370 3.84 -7.65 -9.58
CA SER A 370 3.47 -6.61 -10.54
C SER A 370 2.23 -5.86 -10.10
N ASP A 371 2.13 -4.60 -10.53
CA ASP A 371 0.91 -3.80 -10.35
C ASP A 371 -0.10 -4.03 -11.45
N GLY A 372 0.29 -4.67 -12.54
CA GLY A 372 -0.59 -4.84 -13.68
C GLY A 372 0.23 -5.06 -14.93
N ALA A 373 -0.40 -5.67 -15.93
CA ALA A 373 0.31 -6.01 -17.15
C ALA A 373 0.50 -4.78 -18.02
N SER A 374 1.63 -4.77 -18.75
CA SER A 374 2.01 -3.61 -19.55
C SER A 374 1.51 -3.68 -20.98
N THR A 375 0.96 -4.80 -21.41
CA THR A 375 0.29 -4.94 -22.70
C THR A 375 -0.98 -5.74 -22.46
N ASP A 376 -1.84 -5.78 -23.48
CA ASP A 376 -3.13 -6.46 -23.38
C ASP A 376 -2.96 -7.95 -23.68
N ILE A 377 -2.34 -8.64 -22.73
CA ILE A 377 -1.96 -10.05 -22.94
C ILE A 377 -3.17 -10.94 -22.64
N PRO A 378 -3.45 -11.93 -23.49
CA PRO A 378 -4.49 -12.91 -23.15
C PRO A 378 -4.09 -13.70 -21.92
N ASN A 379 -5.08 -13.98 -21.06
CA ASN A 379 -4.75 -14.59 -19.78
C ASN A 379 -5.95 -15.35 -19.22
N ASP A 380 -5.65 -16.37 -18.41
CA ASP A 380 -6.65 -17.20 -17.77
C ASP A 380 -7.10 -16.66 -16.41
N GLN A 381 -6.83 -15.39 -16.13
CA GLN A 381 -7.45 -14.69 -15.02
C GLN A 381 -8.60 -13.80 -15.47
N GLY A 382 -8.77 -13.61 -16.78
CA GLY A 382 -9.75 -12.65 -17.27
C GLY A 382 -9.43 -11.21 -16.90
N LYS A 383 -8.19 -10.92 -16.53
N LYS A 383 -8.19 -10.92 -16.53
CA LYS A 383 -7.81 -9.57 -16.16
CA LYS A 383 -7.80 -9.58 -16.17
C LYS A 383 -7.75 -8.69 -17.40
C LYS A 383 -7.76 -8.69 -17.41
N ARG A 384 -7.99 -7.41 -17.20
CA ARG A 384 -8.10 -6.44 -18.28
C ARG A 384 -6.92 -5.47 -18.26
N PHE A 385 -6.68 -4.85 -19.40
CA PHE A 385 -5.50 -4.02 -19.64
C PHE A 385 -5.78 -2.58 -19.23
N ASP A 386 -4.91 -2.02 -18.40
CA ASP A 386 -4.99 -0.63 -17.97
C ASP A 386 -3.80 0.12 -18.56
N ARG A 387 -4.09 1.14 -19.38
CA ARG A 387 -3.01 1.86 -20.04
C ARG A 387 -2.12 2.65 -19.08
N MET A 388 -2.52 2.81 -17.82
CA MET A 388 -1.58 3.40 -16.86
C MET A 388 -0.36 2.50 -16.63
N CYS A 389 -0.44 1.24 -17.04
CA CYS A 389 0.67 0.30 -16.97
C CYS A 389 1.42 0.21 -18.28
N ASP A 390 1.03 1.02 -19.27
CA ASP A 390 1.50 0.92 -20.65
C ASP A 390 2.64 1.92 -20.86
N PRO A 391 3.86 1.46 -21.15
CA PRO A 391 4.97 2.41 -21.40
C PRO A 391 4.75 3.35 -22.58
N THR A 392 3.79 3.05 -23.47
CA THR A 392 3.56 3.88 -24.65
C THR A 392 2.52 4.95 -24.42
N PHE A 393 1.88 4.98 -23.26
CA PHE A 393 0.69 5.80 -23.06
C PHE A 393 1.07 7.16 -22.50
N VAL A 394 0.67 8.22 -23.20
CA VAL A 394 0.71 9.58 -22.66
C VAL A 394 -0.59 9.80 -21.91
N SER A 395 -0.50 9.99 -20.59
CA SER A 395 -1.71 9.98 -19.79
C SER A 395 -2.16 11.39 -19.44
N PRO A 396 -3.43 11.73 -19.68
CA PRO A 396 -3.98 12.99 -19.15
C PRO A 396 -3.90 13.07 -17.64
N LYS A 397 -3.95 11.94 -16.93
N LYS A 397 -3.95 11.93 -16.93
CA LYS A 397 -3.84 11.99 -15.48
CA LYS A 397 -3.84 11.89 -15.47
C LYS A 397 -2.50 12.55 -15.05
C LYS A 397 -2.45 12.28 -14.98
N LEU A 398 -1.47 12.35 -15.87
CA LEU A 398 -0.10 12.71 -15.54
C LEU A 398 0.32 14.03 -16.19
N ASN A 399 -0.62 14.96 -16.36
CA ASN A 399 -0.36 16.22 -17.03
C ASN A 399 0.23 15.98 -18.43
N ASN A 400 -0.38 15.05 -19.17
CA ASN A 400 -0.01 14.77 -20.56
C ASN A 400 1.46 14.36 -20.68
N GLN A 401 1.85 13.35 -19.90
CA GLN A 401 3.19 12.79 -19.93
C GLN A 401 3.10 11.28 -19.99
N LEU A 402 4.18 10.65 -20.48
CA LEU A 402 4.27 9.20 -20.51
C LEU A 402 4.23 8.62 -19.09
N THR A 403 3.71 7.39 -19.00
CA THR A 403 3.56 6.74 -17.70
C THR A 403 4.89 6.46 -17.03
N GLY A 404 5.95 6.26 -17.81
CA GLY A 404 7.16 5.74 -17.23
C GLY A 404 7.01 4.35 -16.66
N ALA A 405 6.01 3.58 -17.11
CA ALA A 405 5.79 2.24 -16.59
C ALA A 405 6.89 1.29 -17.03
N THR A 406 7.16 0.29 -16.18
CA THR A 406 8.18 -0.71 -16.50
C THR A 406 7.65 -1.68 -17.55
N PRO A 407 8.35 -1.86 -18.68
CA PRO A 407 7.85 -2.76 -19.73
C PRO A 407 7.96 -4.22 -19.31
N ASN A 408 7.30 -5.06 -20.10
CA ASN A 408 7.33 -6.51 -19.91
C ASN A 408 6.76 -6.93 -18.55
N ALA A 409 5.70 -6.23 -18.11
CA ALA A 409 5.09 -6.48 -16.81
C ALA A 409 4.01 -7.55 -16.92
N PRO A 410 3.97 -8.51 -16.00
CA PRO A 410 2.91 -9.51 -15.99
C PRO A 410 1.68 -8.97 -15.26
N LEU A 411 0.65 -9.82 -15.16
CA LEU A 411 -0.58 -9.45 -14.48
C LEU A 411 -0.31 -9.09 -13.02
N ALA A 412 -1.19 -8.28 -12.45
CA ALA A 412 -1.07 -7.90 -11.05
C ALA A 412 -0.91 -9.15 -10.17
N GLY A 413 0.05 -9.10 -9.24
CA GLY A 413 0.30 -10.20 -8.34
C GLY A 413 1.29 -11.23 -8.84
N GLN A 414 1.60 -11.22 -10.14
N GLN A 414 1.62 -11.22 -10.12
CA GLN A 414 2.58 -12.14 -10.69
CA GLN A 414 2.58 -12.16 -10.66
C GLN A 414 4.00 -11.62 -10.48
C GLN A 414 4.00 -11.62 -10.54
N TRP A 415 4.96 -12.54 -10.46
CA TRP A 415 6.34 -12.16 -10.21
C TRP A 415 6.90 -11.37 -11.38
N PHE A 416 7.51 -10.23 -11.07
CA PHE A 416 8.03 -9.30 -12.08
C PHE A 416 9.55 -9.28 -11.94
N GLU A 417 10.22 -10.10 -12.74
CA GLU A 417 11.65 -10.39 -12.55
C GLU A 417 12.50 -9.12 -12.57
N GLU A 418 12.39 -8.33 -13.65
N GLU A 418 12.42 -8.33 -13.64
CA GLU A 418 13.23 -7.16 -13.81
CA GLU A 418 13.33 -7.20 -13.71
C GLU A 418 12.92 -6.12 -12.75
C GLU A 418 12.91 -6.03 -12.82
N GLN A 419 11.64 -5.95 -12.43
CA GLN A 419 11.24 -4.99 -11.42
C GLN A 419 11.83 -5.34 -10.06
N PHE A 420 11.82 -6.62 -9.69
CA PHE A 420 12.39 -6.99 -8.40
C PHE A 420 13.89 -6.73 -8.36
N VAL A 421 14.60 -7.00 -9.46
CA VAL A 421 16.03 -6.67 -9.52
C VAL A 421 16.23 -5.19 -9.24
N THR A 422 15.47 -4.33 -9.91
CA THR A 422 15.59 -2.89 -9.71
C THR A 422 15.20 -2.50 -8.29
N LEU A 423 14.11 -3.08 -7.76
CA LEU A 423 13.66 -2.76 -6.41
C LEU A 423 14.74 -3.03 -5.39
N VAL A 424 15.48 -4.13 -5.54
CA VAL A 424 16.54 -4.47 -4.59
C VAL A 424 17.77 -3.60 -4.82
N LYS A 425 18.19 -3.44 -6.08
CA LYS A 425 19.32 -2.58 -6.38
C LYS A 425 19.11 -1.16 -5.87
N ASN A 426 17.88 -0.66 -5.96
CA ASN A 426 17.57 0.72 -5.65
C ASN A 426 17.01 0.90 -4.25
N ALA A 427 17.21 -0.07 -3.37
CA ALA A 427 16.67 0.05 -2.03
C ALA A 427 17.30 1.21 -1.27
N TYR A 428 16.49 1.90 -0.48
CA TYR A 428 16.99 2.88 0.47
C TYR A 428 16.15 2.77 1.74
N PRO A 429 16.76 2.47 2.90
CA PRO A 429 18.19 2.19 3.13
C PRO A 429 18.71 1.01 2.31
N VAL A 430 20.03 0.94 2.16
N VAL A 430 20.03 0.97 2.12
CA VAL A 430 20.66 -0.16 1.44
CA VAL A 430 20.61 -0.16 1.43
C VAL A 430 20.47 -1.46 2.20
C VAL A 430 20.30 -1.44 2.18
N ILE A 431 20.30 -2.55 1.46
CA ILE A 431 20.04 -3.86 2.04
C ILE A 431 21.37 -4.58 2.25
N GLY A 432 21.53 -5.17 3.43
CA GLY A 432 22.66 -6.05 3.68
C GLY A 432 22.38 -7.46 3.21
N GLY A 433 23.44 -8.21 2.90
CA GLY A 433 23.27 -9.56 2.41
C GLY A 433 23.16 -10.59 3.52
N THR A 434 22.46 -11.68 3.23
CA THR A 434 22.35 -12.85 4.10
C THR A 434 22.96 -14.04 3.36
N THR A 435 23.80 -14.80 4.06
CA THR A 435 24.49 -15.95 3.47
C THR A 435 24.27 -17.17 4.34
N PRO A 436 23.72 -18.25 3.83
CA PRO A 436 23.58 -19.46 4.65
C PRO A 436 24.93 -20.04 5.02
N VAL A 437 24.95 -20.72 6.18
CA VAL A 437 26.19 -21.18 6.78
C VAL A 437 26.96 -22.12 5.85
N GLU A 438 26.24 -22.93 5.05
CA GLU A 438 26.90 -23.88 4.17
C GLU A 438 27.73 -23.21 3.08
N ASP A 439 27.42 -21.95 2.74
CA ASP A 439 28.16 -21.22 1.73
C ASP A 439 29.33 -20.43 2.29
N LEU A 440 29.62 -20.58 3.59
CA LEU A 440 30.78 -19.92 4.18
C LEU A 440 32.08 -20.69 3.98
N VAL A 441 32.01 -21.97 3.63
CA VAL A 441 33.21 -22.76 3.41
C VAL A 441 33.57 -22.73 1.94
N ALA A 442 34.87 -22.79 1.66
CA ALA A 442 35.32 -22.91 0.29
C ALA A 442 34.74 -24.18 -0.32
N PRO A 443 34.12 -24.11 -1.50
CA PRO A 443 33.45 -25.30 -2.06
C PRO A 443 34.43 -26.42 -2.33
N THR A 444 34.06 -27.62 -1.91
CA THR A 444 34.85 -28.83 -2.15
C THR A 444 33.94 -29.97 -2.61
#